data_6OAH
#
_entry.id   6OAH
#
_cell.length_a   111.330
_cell.length_b   111.330
_cell.length_c   70.000
_cell.angle_alpha   90.00
_cell.angle_beta   90.00
_cell.angle_gamma   90.00
#
_symmetry.space_group_name_H-M   'P 41 21 2'
#
loop_
_entity.id
_entity.type
_entity.pdbx_description
1 polymer 'Farnesyl pyrophosphate synthase'
2 non-polymer GLYCEROL
3 non-polymer '[(1R)-1-{[6-(3-chloro-4-methylphenyl)thieno[2,3-d]pyrimidin-4-yl]amino}-2-phenylethyl]phosphonic acid'
4 non-polymer 'PHOSPHATE ION'
5 water water
#
_entity_poly.entity_id   1
_entity_poly.type   'polypeptide(L)'
_entity_poly.pdbx_seq_one_letter_code
;MGSSHHHHHHSSGRENLYFQGHMNGDQNSDVYAQEKQDFVQHFSQIVRVLTEDEMGHPEIGDAIARLKEVLEYNAIGGKY
NRGLTVVVAFRELVEPRKQDADSLQRAWTVGWCVELLQAFFLVADDIMDSSLTRRGQICWYQKPGVGLDAINDANLLEAC
IYRLLKLYCREQPYYLNLIELFLQSSYQTEIGQTLDLLTAPQGNVDLVRFTEKRYKSIVKYKTAFYSFYLPIAAAMYMAG
IDGEKEHANAKKILLEMGEFFQIQDDYLDLFGDPSVTGKIGTDIQDNKCSWLVVQCLQRATPEQYQILKENYGQKEAEKV
ARVKALYEELDLPAVFLQYEEDSYSHIMALIEQYAAPLPPAVFLGLARKIYKRRK
;
_entity_poly.pdbx_strand_id   F
#
loop_
_chem_comp.id
_chem_comp.type
_chem_comp.name
_chem_comp.formula
GOL non-polymer GLYCEROL 'C3 H8 O3'
M2V non-polymer '[(1R)-1-{[6-(3-chloro-4-methylphenyl)thieno[2,3-d]pyrimidin-4-yl]amino}-2-phenylethyl]phosphonic acid' 'C21 H19 Cl N3 O3 P S'
PO4 non-polymer 'PHOSPHATE ION' 'O4 P -3'
#
# COMPACT_ATOMS: atom_id res chain seq x y z
N SER A 29 -12.42 -20.43 -7.08
CA SER A 29 -13.10 -19.11 -6.89
C SER A 29 -12.49 -18.40 -5.67
N ASP A 30 -11.58 -17.44 -5.88
CA ASP A 30 -11.11 -16.50 -4.81
C ASP A 30 -12.24 -15.48 -4.58
N VAL A 31 -12.68 -15.28 -3.33
CA VAL A 31 -13.71 -14.26 -2.91
C VAL A 31 -13.39 -12.86 -3.50
N TYR A 32 -12.11 -12.59 -3.81
CA TYR A 32 -11.62 -11.34 -4.43
C TYR A 32 -11.97 -11.29 -5.91
N ALA A 33 -11.62 -12.35 -6.66
CA ALA A 33 -11.81 -12.44 -8.13
C ALA A 33 -13.29 -12.16 -8.48
N GLN A 34 -14.20 -12.78 -7.67
CA GLN A 34 -15.69 -12.73 -7.80
C GLN A 34 -16.19 -11.29 -7.61
N GLU A 35 -15.85 -10.66 -6.48
CA GLU A 35 -16.35 -9.31 -6.09
C GLU A 35 -15.67 -8.19 -6.91
N LYS A 36 -14.72 -8.48 -7.82
CA LYS A 36 -13.87 -7.47 -8.51
C LYS A 36 -14.68 -6.64 -9.52
N GLN A 37 -15.31 -7.27 -10.51
CA GLN A 37 -16.01 -6.60 -11.64
C GLN A 37 -16.92 -5.51 -11.05
N ASP A 38 -17.81 -5.89 -10.14
CA ASP A 38 -18.81 -4.99 -9.49
C ASP A 38 -18.12 -3.77 -8.90
N PHE A 39 -16.92 -3.97 -8.33
CA PHE A 39 -16.06 -2.93 -7.69
C PHE A 39 -15.59 -1.93 -8.75
N VAL A 40 -15.17 -2.39 -9.92
CA VAL A 40 -14.57 -1.53 -10.99
C VAL A 40 -15.68 -0.76 -11.70
N GLN A 41 -16.85 -1.39 -11.88
CA GLN A 41 -18.03 -0.75 -12.50
C GLN A 41 -18.45 0.44 -11.63
N HIS A 42 -18.22 0.35 -10.32
CA HIS A 42 -18.60 1.41 -9.35
C HIS A 42 -17.77 2.67 -9.61
N PHE A 43 -16.52 2.52 -10.06
CA PHE A 43 -15.58 3.64 -10.27
C PHE A 43 -16.26 4.73 -11.08
N SER A 44 -17.00 4.38 -12.12
CA SER A 44 -17.66 5.41 -12.97
C SER A 44 -18.58 6.27 -12.11
N GLN A 45 -19.30 5.64 -11.18
CA GLN A 45 -20.21 6.31 -10.20
C GLN A 45 -19.40 7.26 -9.30
N ILE A 46 -18.25 6.82 -8.78
CA ILE A 46 -17.31 7.65 -7.96
C ILE A 46 -17.00 8.94 -8.73
N VAL A 47 -16.49 8.79 -9.95
CA VAL A 47 -16.09 9.90 -10.86
C VAL A 47 -17.33 10.76 -11.19
N ARG A 48 -18.46 10.16 -11.58
CA ARG A 48 -19.68 10.97 -11.91
C ARG A 48 -19.99 11.84 -10.69
N VAL A 49 -19.96 11.29 -9.47
CA VAL A 49 -20.42 11.99 -8.23
C VAL A 49 -19.43 13.09 -7.81
N LEU A 50 -18.12 12.85 -7.89
CA LEU A 50 -17.07 13.82 -7.48
C LEU A 50 -16.96 14.97 -8.49
N THR A 51 -17.55 14.84 -9.69
CA THR A 51 -17.59 15.91 -10.72
C THR A 51 -18.97 16.59 -10.76
N GLU A 52 -19.94 16.11 -9.98
CA GLU A 52 -21.36 16.56 -10.02
C GLU A 52 -21.99 16.36 -8.64
N GLU A 54 -20.38 19.33 -8.27
CA GLU A 54 -19.77 20.68 -8.48
C GLU A 54 -20.29 21.26 -9.81
N MET A 55 -21.57 20.98 -10.11
CA MET A 55 -22.31 21.35 -11.34
C MET A 55 -22.95 22.74 -11.19
N GLY A 56 -23.30 23.13 -9.95
CA GLY A 56 -23.75 24.49 -9.60
C GLY A 56 -22.59 25.46 -9.43
N HIS A 57 -21.36 25.02 -9.77
CA HIS A 57 -20.08 25.79 -9.66
C HIS A 57 -19.29 25.68 -10.98
N PRO A 58 -19.81 26.18 -12.13
CA PRO A 58 -19.14 26.04 -13.44
C PRO A 58 -17.76 26.67 -13.62
N GLU A 59 -17.53 27.84 -13.00
CA GLU A 59 -16.23 28.56 -12.77
C GLU A 59 -15.04 27.62 -12.52
N ILE A 60 -15.24 26.50 -11.81
CA ILE A 60 -14.17 25.48 -11.54
C ILE A 60 -14.28 24.28 -12.49
N GLY A 61 -15.05 24.38 -13.57
CA GLY A 61 -15.24 23.29 -14.55
C GLY A 61 -13.92 22.64 -14.93
N ASP A 62 -12.98 23.46 -15.42
CA ASP A 62 -11.64 23.04 -15.89
C ASP A 62 -10.91 22.29 -14.79
N ALA A 63 -11.06 22.70 -13.53
CA ALA A 63 -10.36 22.03 -12.42
C ALA A 63 -10.96 20.65 -12.21
N ILE A 64 -12.25 20.50 -12.41
CA ILE A 64 -12.92 19.19 -12.20
C ILE A 64 -12.46 18.25 -13.32
N ALA A 65 -12.30 18.77 -14.53
CA ALA A 65 -11.70 18.06 -15.68
C ALA A 65 -10.30 17.56 -15.28
N ARG A 66 -9.48 18.38 -14.69
CA ARG A 66 -8.11 17.93 -14.31
C ARG A 66 -8.25 16.82 -13.26
N LEU A 67 -9.14 17.00 -12.28
CA LEU A 67 -9.42 15.99 -11.22
C LEU A 67 -9.80 14.68 -11.89
N LYS A 68 -10.68 14.73 -12.89
CA LYS A 68 -11.16 13.52 -13.61
C LYS A 68 -9.96 12.84 -14.27
N GLU A 69 -9.11 13.59 -14.94
CA GLU A 69 -7.93 13.04 -15.62
C GLU A 69 -7.06 12.36 -14.56
N VAL A 70 -6.92 12.96 -13.39
CA VAL A 70 -5.95 12.50 -12.38
C VAL A 70 -6.41 11.14 -11.86
N LEU A 71 -7.72 11.02 -11.61
CA LEU A 71 -8.33 9.76 -11.11
C LEU A 71 -8.20 8.65 -12.14
N GLU A 72 -8.48 8.95 -13.41
CA GLU A 72 -8.47 7.93 -14.48
C GLU A 72 -7.03 7.44 -14.64
N TYR A 73 -6.04 8.31 -14.60
CA TYR A 73 -4.62 7.90 -14.78
C TYR A 73 -4.11 7.12 -13.55
N ASN A 74 -4.51 7.53 -12.34
CA ASN A 74 -3.76 7.17 -11.12
C ASN A 74 -4.48 6.01 -10.35
N ALA A 75 -5.82 6.08 -10.28
CA ALA A 75 -6.62 5.18 -9.42
C ALA A 75 -7.01 3.89 -10.16
N ILE A 76 -6.54 3.72 -11.41
CA ILE A 76 -6.93 2.62 -12.34
C ILE A 76 -5.68 1.91 -12.88
N GLY A 77 -5.69 0.57 -12.87
CA GLY A 77 -4.67 -0.25 -13.55
C GLY A 77 -3.84 -1.07 -12.57
N GLY A 78 -4.15 -0.92 -11.27
CA GLY A 78 -3.65 -1.81 -10.19
C GLY A 78 -4.60 -2.98 -10.01
N LYS A 79 -4.34 -3.88 -9.05
CA LYS A 79 -5.15 -5.12 -8.83
C LYS A 79 -6.25 -4.85 -7.76
N TYR A 80 -6.27 -3.69 -7.10
CA TYR A 80 -7.38 -3.07 -6.30
C TYR A 80 -7.57 -3.75 -4.90
N ASN A 81 -6.53 -4.59 -4.58
CA ASN A 81 -6.62 -5.60 -3.49
C ASN A 81 -6.94 -4.90 -2.16
N ARG A 82 -6.54 -3.66 -2.02
CA ARG A 82 -6.73 -2.93 -0.75
C ARG A 82 -8.27 -2.77 -0.61
N GLY A 83 -8.85 -2.11 -1.64
CA GLY A 83 -10.25 -1.61 -1.66
C GLY A 83 -11.22 -2.77 -1.69
N LEU A 84 -10.90 -3.79 -2.45
CA LEU A 84 -11.68 -5.04 -2.49
C LEU A 84 -11.69 -5.64 -1.09
N THR A 85 -10.57 -5.57 -0.37
CA THR A 85 -10.47 -6.16 0.98
C THR A 85 -11.55 -5.53 1.86
N VAL A 86 -11.81 -4.24 1.70
CA VAL A 86 -12.92 -3.56 2.42
C VAL A 86 -14.21 -4.32 2.07
N VAL A 87 -14.44 -4.65 0.80
CA VAL A 87 -15.78 -5.09 0.31
C VAL A 87 -16.00 -6.57 0.65
N VAL A 88 -14.95 -7.35 0.54
CA VAL A 88 -14.91 -8.77 0.96
C VAL A 88 -15.21 -8.82 2.46
N ALA A 89 -14.34 -8.23 3.26
CA ALA A 89 -14.46 -8.24 4.74
C ALA A 89 -15.87 -7.80 5.16
N PHE A 90 -16.50 -6.86 4.46
CA PHE A 90 -17.83 -6.32 4.81
C PHE A 90 -18.87 -7.43 4.63
N ARG A 91 -18.83 -8.15 3.49
CA ARG A 91 -19.68 -9.34 3.21
C ARG A 91 -19.51 -10.42 4.29
N GLU A 92 -18.30 -10.68 4.75
CA GLU A 92 -18.01 -11.75 5.74
C GLU A 92 -18.46 -11.33 7.15
N LEU A 93 -18.57 -10.03 7.45
CA LEU A 93 -18.78 -9.51 8.84
C LEU A 93 -20.24 -9.11 9.08
N VAL A 94 -20.97 -8.70 8.05
CA VAL A 94 -22.34 -8.14 8.19
C VAL A 94 -23.30 -9.27 7.87
N GLU A 95 -24.21 -9.59 8.80
CA GLU A 95 -25.37 -10.48 8.58
C GLU A 95 -25.95 -10.14 7.21
N PRO A 96 -26.10 -11.13 6.31
CA PRO A 96 -26.62 -10.88 4.97
C PRO A 96 -28.02 -10.25 4.89
N ARG A 97 -28.76 -10.31 6.01
CA ARG A 97 -30.09 -9.62 6.05
C ARG A 97 -29.80 -8.12 5.98
N LYS A 98 -28.64 -7.67 6.50
CA LYS A 98 -28.27 -6.24 6.65
C LYS A 98 -27.49 -5.74 5.42
N GLN A 99 -27.39 -6.58 4.36
CA GLN A 99 -26.77 -6.22 3.03
C GLN A 99 -27.78 -5.72 1.95
N ASP A 100 -28.46 -4.58 2.29
CA ASP A 100 -29.30 -3.76 1.36
C ASP A 100 -28.42 -3.09 0.30
N ALA A 101 -29.00 -2.72 -0.85
CA ALA A 101 -28.30 -2.12 -2.02
C ALA A 101 -27.49 -0.88 -1.60
N ASP A 102 -28.04 -0.09 -0.67
CA ASP A 102 -27.46 1.19 -0.17
C ASP A 102 -26.20 0.87 0.65
N SER A 103 -26.28 -0.14 1.51
CA SER A 103 -25.17 -0.60 2.39
C SER A 103 -23.99 -1.08 1.54
N LEU A 104 -24.28 -1.57 0.34
CA LEU A 104 -23.27 -2.07 -0.63
C LEU A 104 -22.55 -0.87 -1.25
N GLN A 105 -23.28 0.03 -1.91
N GLN A 105 -23.28 0.07 -1.86
CA GLN A 105 -22.80 1.36 -2.39
CA GLN A 105 -22.70 1.31 -2.45
C GLN A 105 -21.71 1.85 -1.43
C GLN A 105 -21.75 1.96 -1.43
N ARG A 106 -22.04 1.87 -0.13
CA ARG A 106 -21.17 2.46 0.91
C ARG A 106 -19.88 1.65 1.05
N ALA A 107 -19.99 0.32 1.03
CA ALA A 107 -18.81 -0.57 1.03
C ALA A 107 -17.97 -0.35 -0.24
N TRP A 108 -18.58 -0.26 -1.43
CA TRP A 108 -17.84 -0.02 -2.70
C TRP A 108 -17.07 1.31 -2.54
N THR A 109 -17.74 2.32 -1.96
CA THR A 109 -17.20 3.70 -1.81
C THR A 109 -15.98 3.66 -0.89
N VAL A 110 -16.15 3.11 0.30
CA VAL A 110 -15.03 3.08 1.29
C VAL A 110 -13.86 2.33 0.67
N GLY A 111 -14.11 1.15 0.10
CA GLY A 111 -13.10 0.43 -0.71
C GLY A 111 -12.36 1.41 -1.63
N TRP A 112 -13.11 2.20 -2.41
CA TRP A 112 -12.51 3.17 -3.37
C TRP A 112 -11.71 4.21 -2.60
N CYS A 113 -12.24 4.64 -1.45
CA CYS A 113 -11.54 5.58 -0.55
C CYS A 113 -10.14 5.04 -0.23
N VAL A 114 -9.94 3.72 -0.05
CA VAL A 114 -8.60 3.13 0.27
C VAL A 114 -7.72 3.23 -0.99
N GLU A 115 -8.35 3.12 -2.16
CA GLU A 115 -7.64 3.11 -3.46
C GLU A 115 -7.10 4.54 -3.70
N LEU A 116 -7.97 5.53 -3.55
CA LEU A 116 -7.61 6.97 -3.57
C LEU A 116 -6.49 7.22 -2.57
N LEU A 117 -6.58 6.74 -1.34
CA LEU A 117 -5.44 6.91 -0.43
C LEU A 117 -4.16 6.38 -1.07
N GLN A 118 -4.18 5.17 -1.60
CA GLN A 118 -2.98 4.57 -2.23
C GLN A 118 -2.46 5.50 -3.34
N ALA A 119 -3.37 6.06 -4.14
CA ALA A 119 -3.04 6.80 -5.37
C ALA A 119 -2.36 8.10 -4.97
N PHE A 120 -2.87 8.77 -3.93
CA PHE A 120 -2.22 9.90 -3.21
C PHE A 120 -0.76 9.55 -2.88
N PHE A 121 -0.50 8.50 -2.09
CA PHE A 121 0.89 8.14 -1.71
C PHE A 121 1.75 7.76 -2.93
N LEU A 122 1.20 7.06 -3.93
CA LEU A 122 1.99 6.65 -5.14
C LEU A 122 2.48 7.91 -5.87
N VAL A 123 1.55 8.77 -6.25
CA VAL A 123 1.84 9.95 -7.09
C VAL A 123 2.99 10.74 -6.46
N ALA A 124 2.91 10.98 -5.16
CA ALA A 124 3.87 11.79 -4.40
C ALA A 124 5.17 11.00 -4.20
N ASP A 125 5.09 9.72 -3.79
CA ASP A 125 6.31 8.90 -3.56
C ASP A 125 7.15 8.77 -4.83
N ASP A 126 6.51 8.83 -6.00
CA ASP A 126 7.11 8.61 -7.34
C ASP A 126 7.92 9.84 -7.73
N ILE A 127 7.42 11.01 -7.38
CA ILE A 127 8.22 12.27 -7.46
C ILE A 127 9.39 12.14 -6.48
N MET A 128 9.15 11.89 -5.21
CA MET A 128 10.28 11.89 -4.23
C MET A 128 11.34 10.88 -4.65
N ASP A 129 11.00 9.64 -5.01
CA ASP A 129 11.95 8.53 -5.33
C ASP A 129 12.55 8.68 -6.73
N SER A 130 12.05 9.61 -7.55
CA SER A 130 12.49 9.83 -8.95
C SER A 130 12.18 8.59 -9.79
N SER A 131 11.00 8.04 -9.59
CA SER A 131 10.49 6.85 -10.30
C SER A 131 10.29 7.20 -11.76
N LEU A 132 10.47 6.20 -12.61
CA LEU A 132 10.17 6.28 -14.06
C LEU A 132 8.64 5.90 -14.21
N THR A 133 8.36 4.62 -13.81
CA THR A 133 7.11 3.87 -14.19
C THR A 133 6.53 3.25 -12.94
N ARG A 134 5.25 2.91 -13.05
CA ARG A 134 4.35 2.40 -11.97
C ARG A 134 3.12 1.75 -12.64
N ARG A 135 2.86 0.48 -12.33
CA ARG A 135 1.77 -0.32 -12.97
C ARG A 135 1.87 -0.28 -14.50
N GLY A 136 3.08 -0.33 -15.07
CA GLY A 136 3.27 -0.58 -16.51
C GLY A 136 3.34 0.68 -17.36
N GLN A 137 2.81 1.81 -16.88
CA GLN A 137 2.85 3.06 -17.66
C GLN A 137 3.81 4.04 -16.96
N ILE A 138 4.16 5.10 -17.67
CA ILE A 138 4.96 6.28 -17.19
C ILE A 138 4.29 6.84 -15.93
N CYS A 139 5.08 7.19 -14.91
CA CYS A 139 4.61 7.90 -13.70
C CYS A 139 3.93 9.19 -14.12
N TRP A 140 2.84 9.52 -13.44
CA TRP A 140 2.05 10.74 -13.68
C TRP A 140 2.95 12.01 -13.79
N TYR A 141 3.94 12.21 -12.88
CA TYR A 141 4.74 13.46 -12.85
C TYR A 141 5.71 13.52 -14.04
N GLN A 142 6.11 12.38 -14.59
CA GLN A 142 6.94 12.31 -15.83
C GLN A 142 6.12 12.64 -17.10
N LYS A 143 4.78 12.60 -17.08
CA LYS A 143 4.00 12.90 -18.31
C LYS A 143 4.34 14.34 -18.66
N PRO A 144 4.62 14.66 -19.94
CA PRO A 144 4.82 16.06 -20.34
C PRO A 144 3.65 16.97 -19.96
N GLY A 145 3.94 18.13 -19.36
CA GLY A 145 2.96 19.15 -18.94
C GLY A 145 2.43 18.89 -17.54
N VAL A 146 3.08 18.04 -16.76
CA VAL A 146 2.60 17.70 -15.39
C VAL A 146 3.74 18.06 -14.43
N GLY A 147 4.79 17.24 -14.38
CA GLY A 147 5.95 17.52 -13.52
C GLY A 147 5.46 17.74 -12.10
N LEU A 148 5.94 18.79 -11.44
CA LEU A 148 5.70 19.07 -10.00
C LEU A 148 4.26 19.48 -9.71
N ASP A 149 3.45 19.90 -10.70
CA ASP A 149 1.98 20.08 -10.56
C ASP A 149 1.33 18.79 -9.97
N ALA A 150 2.00 17.66 -10.13
CA ALA A 150 1.53 16.36 -9.61
C ALA A 150 1.42 16.40 -8.09
N ILE A 151 2.23 17.23 -7.41
CA ILE A 151 2.13 17.43 -5.93
C ILE A 151 0.67 17.78 -5.60
N ASN A 152 0.12 18.76 -6.35
CA ASN A 152 -1.23 19.34 -6.12
C ASN A 152 -2.24 18.27 -6.49
N ASP A 153 -1.99 17.58 -7.61
CA ASP A 153 -2.83 16.45 -8.07
C ASP A 153 -2.91 15.41 -6.94
N ALA A 154 -1.79 15.04 -6.33
CA ALA A 154 -1.77 14.07 -5.22
C ALA A 154 -2.70 14.55 -4.11
N ASN A 155 -2.54 15.81 -3.73
CA ASN A 155 -3.27 16.42 -2.61
C ASN A 155 -4.77 16.26 -2.88
N LEU A 156 -5.24 16.53 -4.11
CA LEU A 156 -6.68 16.38 -4.53
C LEU A 156 -7.15 14.94 -4.32
N LEU A 157 -6.31 13.97 -4.66
CA LEU A 157 -6.73 12.57 -4.51
C LEU A 157 -7.04 12.32 -3.02
N GLU A 158 -6.22 12.85 -2.11
CA GLU A 158 -6.46 12.75 -0.64
C GLU A 158 -7.79 13.43 -0.31
N ALA A 159 -7.96 14.65 -0.79
CA ALA A 159 -9.19 15.43 -0.58
C ALA A 159 -10.41 14.59 -0.94
N CYS A 160 -10.33 13.85 -2.04
CA CYS A 160 -11.51 13.17 -2.62
C CYS A 160 -12.10 12.19 -1.60
N ILE A 161 -11.25 11.52 -0.83
CA ILE A 161 -11.66 10.53 0.22
C ILE A 161 -12.79 11.13 1.05
N TYR A 162 -12.54 12.30 1.64
CA TYR A 162 -13.37 12.90 2.71
C TYR A 162 -14.62 13.49 2.05
N ARG A 163 -14.50 13.91 0.79
CA ARG A 163 -15.63 14.31 -0.07
C ARG A 163 -16.59 13.12 -0.25
N LEU A 164 -16.04 11.91 -0.42
CA LEU A 164 -16.85 10.68 -0.59
C LEU A 164 -17.40 10.22 0.75
N LEU A 165 -16.57 10.06 1.78
CA LEU A 165 -17.07 9.72 3.14
C LEU A 165 -18.27 10.60 3.48
N LYS A 166 -18.21 11.90 3.20
CA LYS A 166 -19.32 12.83 3.51
C LYS A 166 -20.52 12.44 2.63
N LEU A 167 -20.33 12.24 1.33
CA LEU A 167 -21.46 12.12 0.38
C LEU A 167 -22.21 10.81 0.56
N TYR A 168 -21.57 9.81 1.18
CA TYR A 168 -22.07 8.41 1.20
C TYR A 168 -22.30 7.94 2.63
N CYS A 169 -21.67 8.49 3.65
CA CYS A 169 -21.63 7.88 5.00
C CYS A 169 -21.93 8.87 6.12
N ARG A 170 -22.32 10.12 5.83
CA ARG A 170 -22.37 11.18 6.87
C ARG A 170 -23.50 10.87 7.87
N GLU A 171 -24.57 10.23 7.41
CA GLU A 171 -25.74 9.88 8.28
C GLU A 171 -25.47 8.56 9.02
N GLN A 172 -24.41 7.83 8.67
CA GLN A 172 -24.07 6.53 9.31
C GLN A 172 -23.48 6.75 10.70
N PRO A 173 -23.72 5.82 11.64
CA PRO A 173 -23.13 5.90 12.98
C PRO A 173 -21.60 5.75 13.07
N TYR A 174 -20.96 5.21 12.03
CA TYR A 174 -19.51 4.90 11.99
C TYR A 174 -18.74 5.98 11.20
N TYR A 175 -19.41 7.06 10.83
CA TYR A 175 -18.87 8.14 9.95
C TYR A 175 -17.59 8.70 10.56
N LEU A 176 -17.67 9.34 11.72
CA LEU A 176 -16.47 9.87 12.44
C LEU A 176 -15.40 8.78 12.55
N ASN A 177 -15.74 7.56 12.96
CA ASN A 177 -14.78 6.44 13.11
C ASN A 177 -13.95 6.30 11.83
N LEU A 178 -14.60 6.29 10.66
CA LEU A 178 -13.94 6.21 9.32
C LEU A 178 -13.04 7.44 9.12
N ILE A 179 -13.52 8.66 9.35
CA ILE A 179 -12.73 9.90 9.08
C ILE A 179 -11.44 9.82 9.90
N GLU A 180 -11.57 9.44 11.17
CA GLU A 180 -10.45 9.28 12.12
C GLU A 180 -9.51 8.19 11.63
N LEU A 181 -10.06 7.08 11.11
CA LEU A 181 -9.28 5.91 10.60
C LEU A 181 -8.41 6.30 9.39
N PHE A 182 -9.00 6.98 8.41
CA PHE A 182 -8.28 7.45 7.20
C PHE A 182 -7.18 8.45 7.60
N LEU A 183 -7.47 9.42 8.46
CA LEU A 183 -6.45 10.44 8.83
C LEU A 183 -5.34 9.75 9.63
N GLN A 184 -5.68 8.86 10.58
CA GLN A 184 -4.65 8.21 11.42
C GLN A 184 -3.75 7.42 10.48
N SER A 185 -4.35 6.78 9.49
CA SER A 185 -3.61 5.93 8.52
C SER A 185 -2.64 6.81 7.70
N SER A 186 -3.08 7.99 7.27
CA SER A 186 -2.24 9.00 6.55
C SER A 186 -1.08 9.49 7.42
N TYR A 187 -1.34 9.87 8.67
CA TYR A 187 -0.27 10.26 9.63
C TYR A 187 0.75 9.12 9.78
N GLN A 188 0.32 7.88 9.98
CA GLN A 188 1.30 6.80 10.26
C GLN A 188 2.13 6.55 9.00
N THR A 189 1.54 6.68 7.81
CA THR A 189 2.27 6.42 6.52
C THR A 189 3.31 7.52 6.32
N GLU A 190 2.91 8.77 6.54
CA GLU A 190 3.81 9.95 6.49
C GLU A 190 4.95 9.79 7.52
N ILE A 191 4.66 9.32 8.73
CA ILE A 191 5.74 9.03 9.71
C ILE A 191 6.70 7.98 9.14
N GLY A 192 6.18 6.91 8.54
CA GLY A 192 6.97 5.80 7.96
C GLY A 192 7.85 6.28 6.81
N GLN A 193 7.27 7.10 5.90
CA GLN A 193 7.98 7.79 4.79
C GLN A 193 9.14 8.64 5.36
N THR A 194 8.87 9.41 6.41
CA THR A 194 9.87 10.23 7.14
C THR A 194 11.02 9.32 7.59
N LEU A 195 10.74 8.17 8.20
CA LEU A 195 11.86 7.27 8.63
C LEU A 195 12.63 6.79 7.40
N ASP A 196 11.90 6.38 6.36
CA ASP A 196 12.46 5.84 5.09
C ASP A 196 13.48 6.86 4.56
N LEU A 197 13.05 8.11 4.41
CA LEU A 197 13.89 9.24 3.91
C LEU A 197 15.08 9.49 4.84
N LEU A 198 14.89 9.61 6.15
CA LEU A 198 15.98 9.87 7.14
C LEU A 198 17.02 8.76 7.09
N THR A 199 16.60 7.54 6.80
CA THR A 199 17.48 6.33 6.77
C THR A 199 18.24 6.27 5.45
N ALA A 200 17.71 6.92 4.39
CA ALA A 200 18.22 6.90 3.00
C ALA A 200 18.63 8.28 2.47
N PRO A 201 19.54 9.03 3.15
CA PRO A 201 20.06 10.28 2.57
C PRO A 201 20.82 10.09 1.22
N GLN A 202 20.32 10.73 0.15
CA GLN A 202 20.93 10.78 -1.21
C GLN A 202 22.36 11.32 -1.06
N GLY A 203 23.28 10.75 -1.83
CA GLY A 203 24.68 11.21 -1.89
C GLY A 203 25.55 10.58 -0.80
N ASN A 204 24.98 10.20 0.35
CA ASN A 204 25.80 9.71 1.51
C ASN A 204 25.83 8.17 1.55
N VAL A 205 26.81 7.60 2.25
CA VAL A 205 26.92 6.16 2.63
C VAL A 205 26.11 5.93 3.91
N ASP A 206 25.12 5.04 3.85
CA ASP A 206 24.03 4.95 4.84
C ASP A 206 24.01 3.57 5.51
N LEU A 207 25.00 2.72 5.22
CA LEU A 207 24.98 1.26 5.59
C LEU A 207 24.88 1.09 7.10
N VAL A 208 25.46 2.05 7.85
CA VAL A 208 25.50 2.04 9.35
C VAL A 208 24.08 1.94 9.89
N ARG A 209 23.12 2.64 9.27
CA ARG A 209 21.75 2.86 9.79
C ARG A 209 20.78 1.82 9.23
N PHE A 210 21.28 0.89 8.38
CA PHE A 210 20.50 -0.22 7.78
C PHE A 210 20.45 -1.41 8.74
N THR A 211 19.68 -1.30 9.82
CA THR A 211 19.50 -2.32 10.88
C THR A 211 18.13 -2.99 10.74
N GLU A 212 17.95 -4.16 11.35
CA GLU A 212 16.64 -4.87 11.35
C GLU A 212 15.61 -4.02 12.11
N LYS A 213 15.95 -3.59 13.35
CA LYS A 213 15.05 -2.80 14.24
C LYS A 213 14.49 -1.65 13.39
N ARG A 214 15.36 -0.88 12.75
CA ARG A 214 14.95 0.24 11.88
C ARG A 214 14.05 -0.27 10.77
N TYR A 215 14.50 -1.32 10.04
CA TYR A 215 13.75 -1.88 8.88
C TYR A 215 12.32 -2.15 9.29
N LYS A 216 12.10 -2.91 10.38
CA LYS A 216 10.74 -3.30 10.86
C LYS A 216 9.90 -2.03 11.14
N SER A 217 10.49 -1.04 11.81
CA SER A 217 9.84 0.26 12.14
C SER A 217 9.35 0.92 10.85
N ILE A 218 10.21 0.97 9.84
CA ILE A 218 9.83 1.70 8.62
C ILE A 218 8.57 1.04 8.07
N VAL A 219 8.59 -0.29 7.91
CA VAL A 219 7.56 -0.96 7.07
C VAL A 219 6.25 -1.00 7.86
N LYS A 220 6.34 -1.18 9.18
CA LYS A 220 5.17 -1.08 10.08
C LYS A 220 4.40 0.22 9.76
N TYR A 221 5.09 1.34 9.66
CA TYR A 221 4.48 2.69 9.61
C TYR A 221 4.26 3.12 8.16
N LYS A 222 5.17 2.74 7.25
CA LYS A 222 5.14 3.07 5.80
C LYS A 222 4.01 2.34 5.08
N THR A 223 3.74 1.07 5.40
CA THR A 223 2.98 0.13 4.52
C THR A 223 1.87 -0.64 5.25
N ALA A 224 2.22 -1.23 6.40
CA ALA A 224 1.38 -2.21 7.11
C ALA A 224 0.06 -1.54 7.54
N PHE A 225 0.09 -0.36 8.19
CA PHE A 225 -1.13 0.29 8.73
C PHE A 225 -2.12 0.48 7.56
N TYR A 226 -1.75 1.10 6.45
CA TYR A 226 -2.74 1.54 5.43
C TYR A 226 -3.08 0.40 4.47
N SER A 227 -2.16 -0.55 4.26
CA SER A 227 -2.35 -1.65 3.27
C SER A 227 -3.16 -2.82 3.87
N PHE A 228 -3.02 -3.09 5.16
CA PHE A 228 -3.62 -4.24 5.87
C PHE A 228 -4.64 -3.75 6.91
N TYR A 229 -4.25 -2.95 7.90
CA TYR A 229 -5.18 -2.58 9.00
C TYR A 229 -6.33 -1.71 8.44
N LEU A 230 -6.00 -0.61 7.79
CA LEU A 230 -7.04 0.35 7.30
C LEU A 230 -8.22 -0.42 6.68
N PRO A 231 -8.08 -1.23 5.62
CA PRO A 231 -9.25 -1.74 4.93
C PRO A 231 -10.10 -2.67 5.82
N ILE A 232 -9.47 -3.49 6.67
CA ILE A 232 -10.19 -4.46 7.53
C ILE A 232 -10.92 -3.65 8.60
N ALA A 233 -10.18 -2.77 9.26
CA ALA A 233 -10.69 -1.84 10.30
C ALA A 233 -11.88 -1.03 9.77
N ALA A 234 -11.84 -0.60 8.51
CA ALA A 234 -12.94 0.18 7.89
C ALA A 234 -14.20 -0.68 7.86
N ALA A 235 -14.09 -1.86 7.29
CA ALA A 235 -15.18 -2.85 7.22
C ALA A 235 -15.68 -3.15 8.64
N MET A 236 -14.77 -3.39 9.60
CA MET A 236 -15.12 -3.72 10.99
C MET A 236 -16.08 -2.66 11.56
N TYR A 237 -15.70 -1.39 11.44
CA TYR A 237 -16.49 -0.21 11.89
C TYR A 237 -17.84 -0.19 11.18
N MET A 238 -17.86 -0.45 9.86
CA MET A 238 -19.11 -0.40 9.05
C MET A 238 -20.06 -1.49 9.54
N ALA A 239 -19.56 -2.43 10.33
CA ALA A 239 -20.32 -3.56 10.89
C ALA A 239 -20.54 -3.36 12.40
N GLY A 240 -20.36 -2.14 12.88
CA GLY A 240 -20.61 -1.76 14.29
C GLY A 240 -19.63 -2.42 15.25
N ILE A 241 -18.57 -3.06 14.75
CA ILE A 241 -17.49 -3.66 15.61
C ILE A 241 -16.43 -2.60 15.83
N ASP A 242 -16.51 -1.91 16.97
CA ASP A 242 -15.59 -0.83 17.34
C ASP A 242 -14.85 -1.23 18.62
N GLY A 243 -15.04 -2.43 19.14
CA GLY A 243 -14.38 -2.87 20.39
C GLY A 243 -12.90 -2.58 20.31
N GLU A 244 -12.30 -2.00 21.35
CA GLU A 244 -10.85 -1.66 21.38
C GLU A 244 -10.03 -2.97 21.28
N LYS A 245 -10.38 -4.02 22.05
CA LYS A 245 -9.64 -5.30 22.06
C LYS A 245 -9.83 -6.00 20.70
N GLU A 246 -11.00 -5.85 20.08
CA GLU A 246 -11.28 -6.53 18.79
C GLU A 246 -10.42 -5.86 17.69
N HIS A 247 -10.12 -4.55 17.78
CA HIS A 247 -9.31 -3.83 16.76
C HIS A 247 -7.83 -4.09 17.03
N ALA A 248 -7.45 -4.20 18.30
CA ALA A 248 -6.08 -4.56 18.74
C ALA A 248 -5.70 -5.93 18.18
N ASN A 249 -6.59 -6.91 18.29
CA ASN A 249 -6.31 -8.30 17.87
C ASN A 249 -6.22 -8.40 16.34
N ALA A 250 -7.16 -7.85 15.58
CA ALA A 250 -7.05 -7.79 14.11
C ALA A 250 -5.73 -7.10 13.72
N LYS A 251 -5.46 -5.92 14.29
CA LYS A 251 -4.22 -5.14 14.05
C LYS A 251 -3.00 -6.05 14.25
N LYS A 252 -3.01 -6.91 15.28
CA LYS A 252 -1.82 -7.73 15.63
C LYS A 252 -1.54 -8.70 14.47
N ILE A 253 -2.58 -9.33 13.93
CA ILE A 253 -2.44 -10.17 12.71
C ILE A 253 -2.02 -9.31 11.49
N LEU A 254 -2.79 -8.27 11.17
CA LEU A 254 -2.69 -7.53 9.88
C LEU A 254 -1.33 -6.77 9.75
N LEU A 255 -0.70 -6.37 10.86
CA LEU A 255 0.61 -5.64 10.80
C LEU A 255 1.72 -6.63 10.41
N GLU A 256 1.68 -7.86 10.92
CA GLU A 256 2.66 -8.90 10.53
C GLU A 256 2.43 -9.27 9.07
N MET A 257 1.20 -9.31 8.60
CA MET A 257 0.94 -9.53 7.15
C MET A 257 1.59 -8.41 6.34
N GLY A 258 1.53 -7.17 6.82
CA GLY A 258 2.10 -6.02 6.11
C GLY A 258 3.61 -6.07 6.07
N GLU A 259 4.24 -6.54 7.16
CA GLU A 259 5.70 -6.69 7.28
C GLU A 259 6.17 -7.64 6.18
N PHE A 260 5.59 -8.84 6.09
CA PHE A 260 5.93 -9.86 5.06
C PHE A 260 5.71 -9.26 3.67
N PHE A 261 4.55 -8.65 3.44
CA PHE A 261 4.19 -8.06 2.13
C PHE A 261 5.30 -7.12 1.68
N GLN A 262 5.76 -6.21 2.54
CA GLN A 262 6.76 -5.18 2.19
C GLN A 262 8.12 -5.83 1.96
N ILE A 263 8.42 -6.92 2.68
CA ILE A 263 9.70 -7.67 2.51
C ILE A 263 9.70 -8.30 1.13
N GLN A 264 8.55 -8.76 0.67
CA GLN A 264 8.38 -9.35 -0.68
C GLN A 264 8.48 -8.22 -1.74
N ASP A 265 7.92 -7.03 -1.47
CA ASP A 265 7.95 -5.83 -2.36
C ASP A 265 9.43 -5.42 -2.57
N ASP A 266 10.25 -5.49 -1.49
CA ASP A 266 11.71 -5.21 -1.47
C ASP A 266 12.44 -6.27 -2.30
N TYR A 267 12.11 -7.54 -2.10
CA TYR A 267 12.67 -8.69 -2.88
C TYR A 267 12.43 -8.48 -4.38
N LEU A 268 11.18 -8.24 -4.76
CA LEU A 268 10.75 -8.05 -6.17
C LEU A 268 11.22 -6.71 -6.74
N ASP A 269 11.51 -5.72 -5.91
CA ASP A 269 12.07 -4.42 -6.34
C ASP A 269 13.30 -4.74 -7.21
N LEU A 270 14.09 -5.76 -6.83
CA LEU A 270 15.34 -6.17 -7.52
C LEU A 270 15.15 -7.46 -8.35
N PHE A 271 14.54 -8.53 -7.81
CA PHE A 271 14.48 -9.90 -8.43
C PHE A 271 13.13 -10.21 -9.06
N GLY A 272 12.20 -9.25 -8.98
CA GLY A 272 10.86 -9.35 -9.59
C GLY A 272 10.95 -9.39 -11.09
N ASP A 273 9.82 -9.64 -11.76
CA ASP A 273 9.68 -9.63 -13.23
C ASP A 273 8.82 -8.42 -13.57
N PRO A 274 9.39 -7.35 -14.19
CA PRO A 274 8.68 -6.07 -14.33
C PRO A 274 7.51 -6.07 -15.34
N SER A 275 7.24 -7.21 -15.99
CA SER A 275 5.96 -7.48 -16.70
C SER A 275 4.94 -7.96 -15.67
N VAL A 276 5.40 -8.36 -14.49
CA VAL A 276 4.54 -8.67 -13.31
C VAL A 276 4.50 -7.42 -12.40
N THR A 277 5.62 -7.08 -11.74
CA THR A 277 5.68 -5.96 -10.76
C THR A 277 5.13 -4.65 -11.35
N GLY A 278 5.28 -4.41 -12.65
CA GLY A 278 4.76 -3.21 -13.35
C GLY A 278 5.65 -1.97 -13.19
N LYS A 279 6.66 -2.04 -12.32
CA LYS A 279 7.52 -0.89 -11.94
C LYS A 279 8.98 -1.36 -12.00
N ILE A 280 9.88 -0.41 -12.25
CA ILE A 280 11.37 -0.55 -12.15
C ILE A 280 11.81 -0.34 -10.70
N GLY A 281 12.75 -1.17 -10.23
CA GLY A 281 13.36 -1.07 -8.90
C GLY A 281 14.41 0.02 -8.85
N THR A 282 14.27 0.94 -7.89
CA THR A 282 15.16 2.12 -7.70
C THR A 282 15.87 2.00 -6.35
N ASP A 283 15.62 0.96 -5.54
CA ASP A 283 16.01 0.88 -4.09
C ASP A 283 17.53 1.00 -3.94
N ILE A 284 18.29 0.45 -4.87
CA ILE A 284 19.79 0.51 -4.80
C ILE A 284 20.24 1.96 -5.09
N GLN A 285 19.90 2.48 -6.28
CA GLN A 285 20.23 3.86 -6.75
C GLN A 285 19.75 4.89 -5.71
N ASP A 286 18.56 4.67 -5.13
CA ASP A 286 17.88 5.61 -4.19
C ASP A 286 18.38 5.44 -2.75
N ASN A 287 19.17 4.40 -2.46
CA ASN A 287 19.89 4.21 -1.17
C ASN A 287 18.95 3.71 -0.06
N LYS A 288 17.98 2.86 -0.38
CA LYS A 288 16.90 2.45 0.57
C LYS A 288 17.40 1.39 1.53
N CYS A 289 17.00 1.51 2.80
CA CYS A 289 17.02 0.43 3.82
C CYS A 289 16.04 -0.66 3.37
N SER A 290 16.46 -1.44 2.37
CA SER A 290 15.77 -2.63 1.82
C SER A 290 15.94 -3.82 2.77
N TRP A 291 14.97 -4.75 2.79
CA TRP A 291 15.18 -6.04 3.47
C TRP A 291 16.48 -6.67 2.95
N LEU A 292 16.68 -6.60 1.63
CA LEU A 292 17.84 -7.22 0.93
C LEU A 292 19.12 -6.65 1.51
N VAL A 293 19.24 -5.32 1.57
CA VAL A 293 20.52 -4.71 2.04
C VAL A 293 20.73 -5.08 3.52
N VAL A 294 19.67 -5.20 4.31
CA VAL A 294 19.79 -5.51 5.76
C VAL A 294 20.38 -6.92 5.86
N GLN A 295 19.76 -7.85 5.15
CA GLN A 295 20.15 -9.28 5.17
C GLN A 295 21.59 -9.41 4.70
N CYS A 296 21.93 -8.69 3.64
CA CYS A 296 23.28 -8.67 3.01
C CYS A 296 24.32 -8.15 4.01
N LEU A 297 23.96 -7.13 4.79
CA LEU A 297 24.85 -6.58 5.85
C LEU A 297 25.05 -7.62 6.95
N GLN A 298 24.04 -8.42 7.27
CA GLN A 298 24.15 -9.36 8.40
C GLN A 298 25.10 -10.51 8.04
N ARG A 299 25.38 -10.70 6.74
CA ARG A 299 26.10 -11.88 6.20
C ARG A 299 27.47 -11.54 5.60
N ALA A 300 27.76 -10.28 5.29
CA ALA A 300 28.96 -9.93 4.50
C ALA A 300 30.26 -10.16 5.28
N THR A 301 31.29 -10.63 4.58
CA THR A 301 32.71 -10.53 5.00
C THR A 301 33.08 -9.05 5.06
N PRO A 302 34.06 -8.63 5.89
CA PRO A 302 34.55 -7.25 5.83
C PRO A 302 34.75 -6.81 4.37
N GLU A 303 35.31 -7.71 3.55
CA GLU A 303 35.61 -7.50 2.11
C GLU A 303 34.31 -7.15 1.37
N GLN A 304 33.28 -7.98 1.52
CA GLN A 304 31.98 -7.82 0.80
C GLN A 304 31.32 -6.51 1.25
N TYR A 305 31.38 -6.18 2.54
CA TYR A 305 30.92 -4.88 3.08
C TYR A 305 31.40 -3.75 2.17
N GLN A 306 32.70 -3.78 1.82
CA GLN A 306 33.39 -2.71 1.04
C GLN A 306 32.89 -2.68 -0.41
N ILE A 307 32.52 -3.84 -1.01
CA ILE A 307 31.89 -3.87 -2.35
C ILE A 307 30.56 -3.11 -2.28
N LEU A 308 29.69 -3.51 -1.34
CA LEU A 308 28.42 -2.82 -1.04
C LEU A 308 28.70 -1.34 -0.77
N LYS A 309 29.62 -1.03 0.13
CA LYS A 309 29.90 0.38 0.51
C LYS A 309 30.22 1.18 -0.75
N GLU A 310 30.97 0.61 -1.71
CA GLU A 310 31.50 1.36 -2.88
C GLU A 310 30.43 1.45 -3.99
N ASN A 311 29.34 0.66 -3.94
CA ASN A 311 28.42 0.44 -5.09
C ASN A 311 26.95 0.83 -4.79
N TYR A 312 26.52 0.82 -3.54
CA TYR A 312 25.11 1.11 -3.15
C TYR A 312 24.82 2.61 -3.14
N GLY A 313 23.64 3.01 -3.60
CA GLY A 313 23.09 4.37 -3.46
C GLY A 313 23.55 5.34 -4.54
N GLN A 314 23.75 4.86 -5.78
CA GLN A 314 24.34 5.64 -6.90
C GLN A 314 23.60 5.28 -8.18
N LYS A 315 23.42 6.27 -9.06
CA LYS A 315 22.53 6.16 -10.25
C LYS A 315 23.20 5.29 -11.31
N GLU A 316 24.50 5.00 -11.19
CA GLU A 316 25.31 4.26 -12.21
C GLU A 316 24.89 2.79 -12.27
N ALA A 317 24.44 2.34 -13.45
CA ALA A 317 24.01 0.96 -13.77
C ALA A 317 25.10 -0.06 -13.40
N GLU A 318 26.37 0.24 -13.64
CA GLU A 318 27.49 -0.68 -13.30
C GLU A 318 27.53 -0.97 -11.78
N LYS A 319 27.23 0.04 -10.96
CA LYS A 319 27.36 -0.08 -9.48
C LYS A 319 26.15 -0.83 -8.88
N VAL A 320 24.99 -0.74 -9.54
CA VAL A 320 23.72 -1.41 -9.15
C VAL A 320 23.85 -2.91 -9.49
N ALA A 321 24.50 -3.22 -10.62
CA ALA A 321 24.85 -4.56 -11.11
C ALA A 321 25.79 -5.23 -10.10
N ARG A 322 26.83 -4.54 -9.62
CA ARG A 322 27.82 -5.13 -8.68
C ARG A 322 27.08 -5.60 -7.40
N VAL A 323 26.07 -4.83 -6.95
CA VAL A 323 25.29 -5.09 -5.70
C VAL A 323 24.45 -6.36 -5.89
N LYS A 324 23.65 -6.43 -6.97
CA LYS A 324 22.84 -7.62 -7.35
C LYS A 324 23.71 -8.87 -7.37
N ALA A 325 24.96 -8.74 -7.83
CA ALA A 325 25.92 -9.87 -7.98
C ALA A 325 26.32 -10.34 -6.58
N LEU A 326 26.56 -9.40 -5.66
CA LEU A 326 26.92 -9.73 -4.25
C LEU A 326 25.73 -10.37 -3.55
N TYR A 327 24.51 -9.84 -3.74
CA TYR A 327 23.26 -10.42 -3.17
C TYR A 327 23.14 -11.88 -3.64
N GLU A 328 23.33 -12.12 -4.96
CA GLU A 328 23.19 -13.47 -5.58
C GLU A 328 24.30 -14.38 -5.05
N GLU A 329 25.50 -13.83 -4.76
CA GLU A 329 26.65 -14.61 -4.22
C GLU A 329 26.34 -14.99 -2.76
N LEU A 330 25.50 -14.24 -2.06
CA LEU A 330 25.07 -14.56 -0.66
C LEU A 330 23.70 -15.27 -0.68
N ASP A 331 23.29 -15.80 -1.84
CA ASP A 331 22.05 -16.59 -2.02
C ASP A 331 20.96 -15.96 -1.14
N LEU A 332 20.74 -14.65 -1.31
CA LEU A 332 19.63 -13.94 -0.61
C LEU A 332 18.29 -14.38 -1.19
N PRO A 333 18.13 -14.56 -2.53
CA PRO A 333 16.87 -15.08 -3.09
C PRO A 333 16.45 -16.39 -2.40
N ALA A 334 17.44 -17.19 -1.98
CA ALA A 334 17.27 -18.48 -1.26
C ALA A 334 16.85 -18.20 0.18
N VAL A 335 17.40 -17.15 0.78
CA VAL A 335 17.08 -16.73 2.17
C VAL A 335 15.65 -16.17 2.20
N PHE A 336 15.29 -15.41 1.16
CA PHE A 336 13.92 -14.89 0.96
C PHE A 336 12.93 -16.07 0.88
N LEU A 337 13.22 -17.11 0.11
CA LEU A 337 12.33 -18.29 -0.03
C LEU A 337 12.14 -18.90 1.37
N GLN A 338 13.19 -18.99 2.20
CA GLN A 338 13.14 -19.62 3.55
C GLN A 338 12.35 -18.73 4.52
N TYR A 339 12.46 -17.42 4.39
CA TYR A 339 11.68 -16.47 5.24
C TYR A 339 10.19 -16.54 4.84
N GLU A 340 9.86 -16.67 3.55
CA GLU A 340 8.46 -16.74 3.04
C GLU A 340 7.81 -18.00 3.63
N GLU A 341 8.57 -19.08 3.82
CA GLU A 341 8.12 -20.30 4.54
C GLU A 341 7.77 -19.94 6.00
N ASP A 342 8.76 -19.49 6.78
CA ASP A 342 8.64 -19.37 8.26
C ASP A 342 7.54 -18.33 8.58
N SER A 343 7.44 -17.29 7.76
CA SER A 343 6.48 -16.16 7.86
C SER A 343 5.05 -16.73 7.74
N TYR A 344 4.79 -17.52 6.69
CA TYR A 344 3.48 -18.18 6.45
C TYR A 344 3.04 -18.98 7.68
N SER A 345 3.91 -19.82 8.23
CA SER A 345 3.67 -20.64 9.45
C SER A 345 3.31 -19.74 10.63
N HIS A 346 4.10 -18.68 10.85
CA HIS A 346 3.98 -17.70 11.96
C HIS A 346 2.63 -16.99 11.86
N ILE A 347 2.36 -16.41 10.69
CA ILE A 347 1.11 -15.69 10.37
C ILE A 347 -0.09 -16.61 10.65
N MET A 348 0.00 -17.88 10.29
CA MET A 348 -1.12 -18.84 10.48
C MET A 348 -1.32 -19.09 11.98
N ALA A 349 -0.22 -19.23 12.73
CA ALA A 349 -0.25 -19.42 14.20
C ALA A 349 -0.89 -18.19 14.88
N LEU A 350 -0.77 -17.02 14.25
CA LEU A 350 -1.31 -15.74 14.77
C LEU A 350 -2.81 -15.69 14.52
N ILE A 351 -3.27 -16.08 13.32
CA ILE A 351 -4.72 -16.17 13.04
C ILE A 351 -5.36 -17.19 14.01
N GLU A 352 -4.66 -18.28 14.38
CA GLU A 352 -5.15 -19.22 15.43
C GLU A 352 -5.40 -18.36 16.67
N GLN A 353 -4.35 -17.68 17.15
CA GLN A 353 -4.30 -16.97 18.46
C GLN A 353 -5.35 -15.85 18.50
N TYR A 354 -5.54 -15.06 17.42
CA TYR A 354 -6.10 -13.68 17.49
C TYR A 354 -7.27 -13.39 16.55
N ALA A 355 -7.71 -14.34 15.70
CA ALA A 355 -8.81 -14.08 14.74
C ALA A 355 -10.16 -13.94 15.49
N ALA A 356 -10.49 -14.89 16.38
CA ALA A 356 -11.74 -14.90 17.17
C ALA A 356 -11.99 -13.52 17.75
N PRO A 357 -13.23 -12.96 17.69
CA PRO A 357 -14.44 -13.66 17.26
C PRO A 357 -14.77 -13.59 15.75
N LEU A 358 -13.90 -12.93 14.99
CA LEU A 358 -14.09 -12.70 13.53
C LEU A 358 -13.93 -14.04 12.82
N PRO A 359 -14.61 -14.21 11.67
CA PRO A 359 -14.38 -15.39 10.84
C PRO A 359 -12.91 -15.44 10.42
N PRO A 360 -12.19 -16.54 10.68
CA PRO A 360 -10.82 -16.66 10.18
C PRO A 360 -10.69 -16.35 8.68
N ALA A 361 -11.77 -16.51 7.91
CA ALA A 361 -11.79 -16.39 6.44
C ALA A 361 -11.38 -14.97 6.01
N VAL A 362 -11.75 -13.95 6.78
CA VAL A 362 -11.32 -12.53 6.61
C VAL A 362 -9.80 -12.48 6.44
N PHE A 363 -9.07 -13.07 7.39
CA PHE A 363 -7.60 -13.16 7.41
C PHE A 363 -7.08 -14.11 6.34
N LEU A 364 -7.68 -15.28 6.20
CA LEU A 364 -7.10 -16.31 5.32
C LEU A 364 -7.14 -15.78 3.88
N GLY A 365 -8.23 -15.07 3.52
CA GLY A 365 -8.44 -14.55 2.17
C GLY A 365 -7.27 -13.65 1.80
N LEU A 366 -6.79 -12.87 2.77
CA LEU A 366 -5.60 -11.99 2.60
C LEU A 366 -4.38 -12.85 2.37
N ALA A 367 -4.07 -13.76 3.30
CA ALA A 367 -2.90 -14.66 3.21
C ALA A 367 -2.84 -15.32 1.82
N ARG A 368 -3.96 -15.87 1.36
CA ARG A 368 -4.08 -16.48 0.01
C ARG A 368 -3.56 -15.45 -1.01
N LYS A 369 -3.94 -14.18 -0.87
CA LYS A 369 -3.68 -13.15 -1.91
C LYS A 369 -2.19 -12.74 -1.93
N ILE A 370 -1.40 -12.95 -0.88
CA ILE A 370 -0.04 -12.35 -0.80
C ILE A 370 1.06 -13.41 -0.68
N TYR A 371 0.72 -14.69 -0.54
CA TYR A 371 1.68 -15.82 -0.59
C TYR A 371 1.36 -16.71 -1.81
N LYS A 372 2.31 -16.86 -2.74
CA LYS A 372 2.11 -17.60 -4.03
C LYS A 372 2.80 -18.97 -3.97
C1 GOL B . -15.55 17.30 4.83
O1 GOL B . -15.66 15.97 5.31
C2 GOL B . -16.04 17.44 3.40
O2 GOL B . -17.41 17.84 3.39
C3 GOL B . -15.24 18.43 2.60
O3 GOL B . -14.27 17.78 1.77
C4 M2V C . -0.33 -9.90 -6.16
C5 M2V C . -0.63 -8.80 -5.39
C6 M2V C . -0.27 -7.58 -5.87
N1 M2V C . 0.35 -7.43 -7.05
N3 M2V C . 0.29 -9.80 -7.35
CAN M2V C . -2.89 -7.90 -1.86
CAO M2V C . -3.53 -7.50 -0.67
CLAZ M2V C . -4.73 -8.61 0.09
CAP M2V C . -3.25 -6.26 -0.09
CAS M2V C . -3.88 -5.86 1.10
CAQ M2V C . -2.32 -5.45 -0.72
CAR M2V C . -1.69 -5.84 -1.91
CAM M2V C . -1.96 -7.09 -2.50
CAJ M2V C . -1.37 -7.46 -3.66
SAK M2V C . -0.74 -6.42 -4.73
CAI M2V C . -1.24 -8.72 -4.17
C2 M2V C . 0.65 -8.55 -7.84
NAA M2V C . -0.68 -11.12 -5.71
CAB M2V C . -0.71 -12.33 -6.60
PBA M2V C . -2.45 -12.83 -6.93
OBC M2V C . -3.42 -11.81 -6.10
OBD M2V C . -2.55 -14.31 -6.23
OBB M2V C . -2.76 -12.82 -8.37
CAL M2V C . 0.01 -13.54 -5.98
CAT M2V C . 1.35 -13.24 -5.75
CAU M2V C . 1.79 -13.06 -4.45
CAV M2V C . 3.13 -12.75 -4.22
CAW M2V C . 4.02 -12.63 -5.28
CAX M2V C . 3.58 -12.81 -6.58
CAY M2V C . 2.24 -13.11 -6.82
C4 M2V D . 11.70 -24.69 -1.05
C5 M2V D . 10.70 -23.84 -1.43
C6 M2V D . 10.66 -23.47 -2.75
N1 M2V D . 11.56 -23.94 -3.65
N3 M2V D . 12.62 -25.17 -1.93
CAN M2V D . 7.15 -21.83 0.29
CAO M2V D . 5.99 -21.10 0.65
CLAZ M2V D . 5.25 -21.26 2.27
CAP M2V D . 5.38 -20.24 -0.27
CAS M2V D . 4.23 -19.50 0.10
CAQ M2V D . 5.95 -20.10 -1.54
CAR M2V D . 7.09 -20.83 -1.89
CAM M2V D . 7.74 -21.71 -0.99
CAJ M2V D . 8.84 -22.41 -1.41
SAK M2V D . 9.36 -22.45 -2.96
CAI M2V D . 9.68 -23.24 -0.71
C2 M2V D . 12.59 -24.81 -3.27
NAA M2V D . 11.78 -25.07 0.25
CAB M2V D . 12.81 -26.02 0.77
PBA M2V D . 12.07 -27.41 1.78
OBC M2V D . 10.76 -27.80 0.89
OBD M2V D . 11.59 -26.78 3.21
OBB M2V D . 12.99 -28.55 1.97
CAL M2V D . 13.84 -25.30 1.68
CAT M2V D . 14.58 -24.39 0.93
CAU M2V D . 15.36 -24.83 -0.14
CAV M2V D . 16.09 -23.91 -0.89
CAW M2V D . 16.03 -22.55 -0.57
CAX M2V D . 15.25 -22.12 0.51
CAY M2V D . 14.52 -23.04 1.26
P PO4 E . -1.49 -1.56 -6.63
O1 PO4 E . -0.60 -2.05 -5.50
O2 PO4 E . -2.01 -2.77 -7.42
O3 PO4 E . -2.68 -0.80 -6.05
O4 PO4 E . -0.70 -0.63 -7.55
#